data_3TF1
#
_entry.id   3TF1
#
_cell.length_a   80.128
_cell.length_b   130.214
_cell.length_c   42.810
_cell.angle_alpha   90.00
_cell.angle_beta   90.00
_cell.angle_gamma   90.00
#
_symmetry.space_group_name_H-M   'P 21 21 2'
#
loop_
_entity.id
_entity.type
_entity.pdbx_description
1 polymer 'Methyl-accepting chemotaxis protein'
2 non-polymer 'PROTOPORPHYRIN IX CONTAINING FE'
3 non-polymer 'OXYGEN MOLECULE'
4 non-polymer XENON
5 non-polymer 'ACETATE ION'
6 water water
#
_entity_poly.entity_id   1
_entity_poly.type   'polypeptide(L)'
_entity_poly.pdbx_seq_one_letter_code
;MKGTIVGTWIKTLRDLYGNDVVDESLKSVGWEPDRVITPLEDIDDDEVRRIFAKVSEKTGKNVNEIWREVGRQNIKTFSE
WFPSYFAGRRLVNFLMMMDEVHLQLTKMIKGATPPRLIAKPVAKDAIEMEYVSKRKMYDYFLGLIEGSSKFFKEEISVEE
VERGEKDGFSRLKVRIKFKNPVFEYKKN
;
_entity_poly.pdbx_strand_id   A,B
#
loop_
_chem_comp.id
_chem_comp.type
_chem_comp.name
_chem_comp.formula
ACT non-polymer 'ACETATE ION' 'C2 H3 O2 -1'
HEM non-polymer 'PROTOPORPHYRIN IX CONTAINING FE' 'C34 H32 Fe N4 O4'
OXY non-polymer 'OXYGEN MOLECULE' O2
XE non-polymer XENON Xe
#
# COMPACT_ATOMS: atom_id res chain seq x y z
N MET A 1 0.42 -5.37 23.29
CA MET A 1 0.89 -3.96 23.07
C MET A 1 0.93 -3.33 24.46
N LYS A 2 1.93 -2.52 24.70
CA LYS A 2 2.02 -1.79 25.94
C LYS A 2 0.79 -0.89 26.12
N GLY A 3 0.19 -0.99 27.30
CA GLY A 3 -0.94 -0.16 27.64
C GLY A 3 -0.84 1.32 27.34
N THR A 4 0.29 1.94 27.73
CA THR A 4 0.46 3.37 27.52
C THR A 4 0.16 3.74 26.07
N ILE A 5 0.69 2.95 25.15
CA ILE A 5 0.60 3.32 23.76
C ILE A 5 -0.81 3.08 23.22
N VAL A 6 -1.43 1.98 23.63
CA VAL A 6 -2.81 1.71 23.23
C VAL A 6 -3.69 2.88 23.68
N GLY A 7 -3.35 3.47 24.82
CA GLY A 7 -4.13 4.60 25.30
C GLY A 7 -3.97 5.79 24.36
N THR A 8 -2.76 5.98 23.82
CA THR A 8 -2.61 7.05 22.86
C THR A 8 -3.46 6.76 21.62
N TRP A 9 -3.52 5.51 21.18
CA TRP A 9 -4.28 5.21 19.99
C TRP A 9 -5.78 5.54 20.16
N ILE A 10 -6.33 5.31 21.35
CA ILE A 10 -7.74 5.64 21.56
C ILE A 10 -7.99 7.12 21.42
N LYS A 11 -7.16 7.95 22.03
CA LYS A 11 -7.32 9.39 21.88
C LYS A 11 -7.16 9.80 20.40
N THR A 12 -6.13 9.24 19.76
CA THR A 12 -5.85 9.58 18.39
C THR A 12 -7.01 9.19 17.46
N LEU A 13 -7.57 8.01 17.68
CA LEU A 13 -8.78 7.56 17.00
C LEU A 13 -9.97 8.57 17.22
N ARG A 14 -10.14 9.08 18.43
CA ARG A 14 -11.17 10.09 18.68
C ARG A 14 -10.88 11.35 17.86
N ASP A 15 -9.62 11.80 17.89
CA ASP A 15 -9.22 13.01 17.20
C ASP A 15 -9.42 12.87 15.70
N LEU A 16 -9.24 11.66 15.17
CA LEU A 16 -9.44 11.45 13.74
C LEU A 16 -10.87 11.18 13.29
N TYR A 17 -11.58 10.36 14.03
CA TYR A 17 -12.88 9.83 13.54
C TYR A 17 -14.07 10.14 14.43
N GLY A 18 -13.83 10.68 15.62
CA GLY A 18 -14.95 11.04 16.50
C GLY A 18 -15.31 10.07 17.61
N ASN A 19 -15.96 10.60 18.65
CA ASN A 19 -16.28 9.78 19.81
C ASN A 19 -17.27 8.61 19.56
N ASP A 20 -18.25 8.80 18.68
CA ASP A 20 -19.24 7.74 18.39
CA ASP A 20 -19.23 7.73 18.46
C ASP A 20 -18.53 6.51 17.81
N VAL A 21 -17.69 6.73 16.80
CA VAL A 21 -17.01 5.64 16.16
C VAL A 21 -16.14 4.92 17.20
N VAL A 22 -15.44 5.67 18.02
CA VAL A 22 -14.56 5.06 18.99
C VAL A 22 -15.31 4.31 20.12
N ASP A 23 -16.25 4.98 20.78
CA ASP A 23 -17.04 4.34 21.83
C ASP A 23 -17.66 3.01 21.33
N GLU A 24 -18.23 3.03 20.13
CA GLU A 24 -18.89 1.84 19.56
CA GLU A 24 -18.88 1.83 19.62
C GLU A 24 -17.86 0.77 19.29
N SER A 25 -16.67 1.18 18.84
CA SER A 25 -15.65 0.16 18.53
C SER A 25 -15.19 -0.51 19.82
N LEU A 26 -14.97 0.28 20.85
CA LEU A 26 -14.50 -0.26 22.12
C LEU A 26 -15.61 -1.14 22.73
N LYS A 27 -16.86 -0.67 22.67
CA LYS A 27 -17.95 -1.45 23.20
C LYS A 27 -17.97 -2.81 22.49
N SER A 28 -17.55 -2.83 21.22
CA SER A 28 -17.71 -4.03 20.42
C SER A 28 -16.70 -5.12 20.80
N VAL A 29 -15.59 -4.79 21.47
CA VAL A 29 -14.73 -5.83 22.04
C VAL A 29 -14.99 -5.96 23.53
N GLY A 30 -16.08 -5.35 23.98
CA GLY A 30 -16.52 -5.46 25.37
C GLY A 30 -15.78 -4.55 26.35
N TRP A 31 -15.10 -3.52 25.88
CA TRP A 31 -14.50 -2.54 26.81
C TRP A 31 -15.50 -1.52 27.25
N GLU A 32 -15.29 -0.97 28.44
CA GLU A 32 -15.95 0.30 28.81
C GLU A 32 -15.64 1.39 27.75
N PRO A 33 -16.70 2.07 27.25
CA PRO A 33 -16.43 3.03 26.15
C PRO A 33 -15.48 4.12 26.62
N ASP A 34 -15.40 4.31 27.94
CA ASP A 34 -14.55 5.33 28.53
C ASP A 34 -13.30 4.73 29.25
N ARG A 35 -12.98 3.47 28.97
CA ARG A 35 -11.83 2.85 29.60
C ARG A 35 -10.59 3.75 29.55
N VAL A 36 -9.89 3.87 30.68
CA VAL A 36 -8.56 4.47 30.67
C VAL A 36 -7.47 3.43 30.97
N ILE A 37 -6.59 3.23 30.00
CA ILE A 37 -5.59 2.18 30.09
C ILE A 37 -4.41 2.70 30.92
N THR A 38 -4.01 1.96 31.93
CA THR A 38 -2.94 2.42 32.80
C THR A 38 -1.57 1.86 32.39
N PRO A 39 -0.49 2.39 32.98
CA PRO A 39 0.78 1.79 32.58
C PRO A 39 0.94 0.44 33.24
N LEU A 40 0.01 0.06 34.15
CA LEU A 40 0.05 -1.27 34.73
C LEU A 40 -0.63 -2.33 33.84
N GLU A 41 -0.92 -1.98 32.60
CA GLU A 41 -1.65 -2.93 31.76
C GLU A 41 -0.96 -3.09 30.46
N ASP A 42 -1.06 -4.30 29.93
CA ASP A 42 -0.78 -4.54 28.53
C ASP A 42 -2.03 -5.10 27.78
N ILE A 43 -2.13 -4.78 26.50
CA ILE A 43 -3.34 -5.00 25.75
C ILE A 43 -3.03 -6.06 24.69
N ASP A 44 -3.86 -7.09 24.62
CA ASP A 44 -3.68 -8.10 23.57
C ASP A 44 -3.76 -7.52 22.13
N ASP A 45 -2.72 -7.77 21.33
CA ASP A 45 -2.65 -7.25 19.97
C ASP A 45 -3.93 -7.51 19.19
N ASP A 46 -4.49 -8.71 19.32
CA ASP A 46 -5.68 -9.02 18.56
C ASP A 46 -6.93 -8.22 19.01
N GLU A 47 -7.05 -7.85 20.29
CA GLU A 47 -8.16 -6.97 20.66
C GLU A 47 -8.02 -5.63 19.95
N VAL A 48 -6.78 -5.16 19.85
CA VAL A 48 -6.53 -3.91 19.16
C VAL A 48 -6.93 -4.10 17.69
N ARG A 49 -6.60 -5.23 17.09
CA ARG A 49 -6.91 -5.40 15.69
C ARG A 49 -8.41 -5.41 15.49
N ARG A 50 -9.16 -6.00 16.43
CA ARG A 50 -10.62 -6.07 16.34
CA ARG A 50 -10.62 -6.06 16.31
C ARG A 50 -11.21 -4.66 16.46
N ILE A 51 -10.58 -3.86 17.32
CA ILE A 51 -11.00 -2.45 17.49
C ILE A 51 -10.80 -1.69 16.20
N PHE A 52 -9.63 -1.84 15.60
CA PHE A 52 -9.39 -1.17 14.32
C PHE A 52 -10.27 -1.71 13.21
N ALA A 53 -10.60 -3.01 13.24
CA ALA A 53 -11.54 -3.55 12.23
C ALA A 53 -12.90 -2.86 12.33
N LYS A 54 -13.34 -2.61 13.55
CA LYS A 54 -14.63 -1.96 13.75
C LYS A 54 -14.57 -0.50 13.26
N VAL A 55 -13.43 0.16 13.52
CA VAL A 55 -13.26 1.51 13.02
C VAL A 55 -13.31 1.51 11.51
N SER A 56 -12.67 0.55 10.85
CA SER A 56 -12.71 0.45 9.38
C SER A 56 -14.15 0.21 8.86
N GLU A 57 -14.89 -0.67 9.53
CA GLU A 57 -16.26 -0.95 9.13
C GLU A 57 -17.14 0.33 9.26
N LYS A 58 -16.99 1.06 10.35
CA LYS A 58 -17.80 2.25 10.58
C LYS A 58 -17.41 3.49 9.76
N THR A 59 -16.14 3.65 9.46
CA THR A 59 -15.73 4.80 8.66
C THR A 59 -15.73 4.50 7.16
N GLY A 60 -15.87 3.26 6.77
CA GLY A 60 -15.63 2.91 5.37
C GLY A 60 -14.18 3.04 4.85
N LYS A 61 -13.17 3.20 5.70
CA LYS A 61 -11.78 3.24 5.20
C LYS A 61 -11.14 1.88 5.41
N ASN A 62 -10.25 1.45 4.50
CA ASN A 62 -9.52 0.21 4.72
C ASN A 62 -8.66 0.31 5.99
N VAL A 63 -8.42 -0.81 6.67
CA VAL A 63 -7.74 -0.75 7.96
C VAL A 63 -6.27 -0.31 7.85
N ASN A 64 -5.66 -0.45 6.68
CA ASN A 64 -4.27 0.04 6.50
C ASN A 64 -4.17 1.55 6.39
N GLU A 65 -5.20 2.12 5.78
CA GLU A 65 -5.32 3.57 5.68
C GLU A 65 -5.54 4.16 7.07
N ILE A 66 -6.38 3.50 7.87
CA ILE A 66 -6.56 3.89 9.25
C ILE A 66 -5.23 3.84 10.01
N TRP A 67 -4.47 2.75 9.90
CA TRP A 67 -3.17 2.71 10.60
C TRP A 67 -2.23 3.83 10.12
N ARG A 68 -2.28 4.14 8.84
CA ARG A 68 -1.38 5.12 8.26
C ARG A 68 -1.75 6.48 8.87
N GLU A 69 -3.06 6.77 8.86
CA GLU A 69 -3.59 8.00 9.45
C GLU A 69 -3.34 8.08 10.95
N VAL A 70 -3.50 6.98 11.64
CA VAL A 70 -3.23 6.95 13.08
C VAL A 70 -1.73 7.20 13.35
N GLY A 71 -0.87 6.61 12.52
CA GLY A 71 0.59 6.83 12.69
C GLY A 71 0.92 8.31 12.56
N ARG A 72 0.39 8.96 11.52
CA ARG A 72 0.59 10.40 11.33
C ARG A 72 0.12 11.24 12.51
N GLN A 73 -1.13 11.00 12.97
CA GLN A 73 -1.70 11.82 14.03
C GLN A 73 -1.12 11.46 15.39
N ASN A 74 -0.64 10.21 15.56
CA ASN A 74 -0.25 9.80 16.89
C ASN A 74 1.03 10.53 17.37
N ILE A 75 1.85 10.98 16.41
CA ILE A 75 3.01 11.81 16.74
C ILE A 75 2.54 13.01 17.59
N LYS A 76 1.47 13.71 17.15
CA LYS A 76 0.99 14.87 17.86
C LYS A 76 0.53 14.42 19.28
N THR A 77 -0.17 13.29 19.34
CA THR A 77 -0.61 12.79 20.64
C THR A 77 0.62 12.50 21.55
N PHE A 78 1.66 11.86 21.00
CA PHE A 78 2.87 11.58 21.77
C PHE A 78 3.49 12.93 22.25
N SER A 79 3.50 13.93 21.36
CA SER A 79 4.13 15.21 21.70
C SER A 79 3.38 15.92 22.83
N GLU A 80 2.09 15.61 23.01
CA GLU A 80 1.31 16.21 24.09
C GLU A 80 1.46 15.42 25.39
N TRP A 81 1.41 14.10 25.30
CA TRP A 81 1.44 13.24 26.50
C TRP A 81 2.85 12.88 26.99
N PHE A 82 3.86 12.87 26.10
CA PHE A 82 5.24 12.45 26.47
C PHE A 82 6.20 13.48 25.86
N PRO A 83 6.03 14.74 26.20
CA PRO A 83 6.73 15.82 25.50
C PRO A 83 8.24 15.74 25.66
N SER A 84 8.73 14.98 26.65
CA SER A 84 10.18 15.05 26.89
C SER A 84 10.92 14.31 25.77
N TYR A 85 10.23 13.42 25.04
CA TYR A 85 10.90 12.80 23.89
C TYR A 85 11.12 13.78 22.73
N PHE A 86 10.46 14.94 22.75
CA PHE A 86 10.53 15.91 21.66
C PHE A 86 11.37 17.15 22.01
N ALA A 87 11.29 17.57 23.26
CA ALA A 87 11.98 18.76 23.78
C ALA A 87 13.38 18.94 23.19
N GLY A 88 13.58 20.03 22.46
CA GLY A 88 14.90 20.38 21.97
C GLY A 88 15.56 19.29 21.15
N ARG A 89 14.81 18.67 20.26
CA ARG A 89 15.40 17.74 19.32
C ARG A 89 15.07 18.15 17.90
N ARG A 90 15.90 17.72 16.96
CA ARG A 90 15.61 17.85 15.54
C ARG A 90 15.11 16.49 15.04
N LEU A 91 14.56 16.45 13.84
CA LEU A 91 13.96 15.23 13.30
C LEU A 91 14.97 14.09 13.24
N VAL A 92 16.16 14.39 12.75
CA VAL A 92 17.13 13.32 12.58
C VAL A 92 17.51 12.67 13.92
N ASN A 93 17.63 13.45 15.02
CA ASN A 93 18.01 12.87 16.32
C ASN A 93 16.84 12.03 16.86
N PHE A 94 15.67 12.60 16.74
CA PHE A 94 14.48 11.94 17.19
C PHE A 94 14.42 10.54 16.53
N LEU A 95 14.53 10.48 15.20
CA LEU A 95 14.47 9.21 14.49
C LEU A 95 15.57 8.22 14.92
N MET A 96 16.81 8.70 15.07
CA MET A 96 17.89 7.78 15.38
C MET A 96 17.80 7.24 16.81
N MET A 97 17.05 7.88 17.69
CA MET A 97 17.01 7.36 19.05
C MET A 97 15.79 6.41 19.29
N MET A 98 14.96 6.25 18.26
CA MET A 98 13.72 5.48 18.43
C MET A 98 14.00 4.03 18.83
N ASP A 99 15.00 3.42 18.20
CA ASP A 99 15.24 2.00 18.48
C ASP A 99 15.52 1.85 19.97
N GLU A 100 16.33 2.74 20.50
CA GLU A 100 16.71 2.65 21.92
C GLU A 100 15.54 2.95 22.87
N VAL A 101 14.81 4.00 22.55
CA VAL A 101 13.59 4.35 23.24
C VAL A 101 12.62 3.14 23.33
N HIS A 102 12.46 2.41 22.23
CA HIS A 102 11.51 1.32 22.22
C HIS A 102 11.96 0.15 23.13
N LEU A 103 13.28 -0.09 23.22
CA LEU A 103 13.85 -1.06 24.15
C LEU A 103 13.69 -0.55 25.59
N GLN A 104 13.99 0.73 25.82
CA GLN A 104 13.97 1.25 27.19
C GLN A 104 12.54 1.15 27.75
N LEU A 105 11.53 1.38 26.90
CA LEU A 105 10.15 1.56 27.38
C LEU A 105 9.44 0.22 27.50
N THR A 106 10.08 -0.84 27.04
CA THR A 106 9.54 -2.18 27.24
C THR A 106 10.42 -3.12 28.10
N LYS A 107 11.54 -2.64 28.60
CA LYS A 107 12.50 -3.52 29.25
C LYS A 107 11.95 -4.02 30.58
N MET A 108 10.93 -3.33 31.11
CA MET A 108 10.34 -3.74 32.39
C MET A 108 9.30 -4.81 32.18
N ILE A 109 9.02 -5.15 30.92
CA ILE A 109 7.92 -6.05 30.59
C ILE A 109 8.43 -7.43 30.24
N LYS A 110 7.90 -8.45 30.95
CA LYS A 110 8.33 -9.82 30.82
C LYS A 110 8.11 -10.28 29.41
N GLY A 111 9.19 -10.66 28.73
CA GLY A 111 9.05 -11.27 27.40
C GLY A 111 8.66 -10.23 26.35
N ALA A 112 9.12 -9.00 26.55
CA ALA A 112 8.78 -7.88 25.64
C ALA A 112 9.17 -8.17 24.19
N THR A 113 8.34 -7.70 23.24
CA THR A 113 8.69 -7.82 21.84
C THR A 113 8.52 -6.46 21.16
N PRO A 114 9.35 -5.47 21.57
CA PRO A 114 9.25 -4.18 20.89
C PRO A 114 9.63 -4.30 19.41
N PRO A 115 9.09 -3.40 18.57
CA PRO A 115 9.60 -3.33 17.16
C PRO A 115 11.06 -2.86 17.23
N ARG A 116 11.91 -3.30 16.33
CA ARG A 116 13.27 -2.75 16.23
C ARG A 116 13.16 -1.71 15.14
N LEU A 117 13.88 -0.62 15.29
CA LEU A 117 13.78 0.50 14.37
C LEU A 117 15.17 1.06 14.08
N ILE A 118 16.17 0.17 13.92
CA ILE A 118 17.56 0.62 13.77
C ILE A 118 17.77 1.59 12.60
N ALA A 119 18.42 2.72 12.85
CA ALA A 119 18.67 3.70 11.80
C ALA A 119 20.18 3.88 11.65
N LYS A 120 20.66 4.06 10.42
CA LYS A 120 22.07 4.36 10.17
C LYS A 120 22.23 5.40 9.03
N PRO A 121 23.23 6.28 9.17
CA PRO A 121 23.48 7.25 8.11
C PRO A 121 23.91 6.48 6.87
N VAL A 122 23.49 6.90 5.67
CA VAL A 122 24.04 6.28 4.47
C VAL A 122 24.49 7.35 3.49
N ALA A 123 24.48 8.60 3.93
CA ALA A 123 24.84 9.71 3.07
C ALA A 123 24.83 10.96 3.91
N LYS A 124 25.45 12.03 3.43
CA LYS A 124 25.46 13.28 4.17
C LYS A 124 24.05 13.77 4.51
N ASP A 125 23.05 13.45 3.68
CA ASP A 125 21.69 13.94 3.94
C ASP A 125 20.63 12.84 4.05
N ALA A 126 21.04 11.63 4.38
CA ALA A 126 20.06 10.55 4.38
C ALA A 126 20.40 9.51 5.39
N ILE A 127 19.35 8.88 5.92
CA ILE A 127 19.53 7.67 6.72
C ILE A 127 18.71 6.55 6.13
N GLU A 128 19.05 5.35 6.55
CA GLU A 128 18.27 4.17 6.32
C GLU A 128 17.65 3.78 7.65
N MET A 129 16.41 3.33 7.65
CA MET A 129 15.80 2.89 8.87
C MET A 129 15.06 1.62 8.56
N GLU A 130 15.27 0.59 9.36
CA GLU A 130 14.58 -0.67 9.10
C GLU A 130 13.65 -1.02 10.25
N TYR A 131 12.38 -1.11 9.95
CA TYR A 131 11.40 -1.62 10.88
C TYR A 131 11.45 -3.15 10.89
N VAL A 132 11.55 -3.75 12.07
CA VAL A 132 11.53 -5.20 12.14
C VAL A 132 10.67 -5.62 13.31
N SER A 133 9.63 -6.40 13.05
CA SER A 133 8.69 -6.74 14.12
C SER A 133 7.83 -7.88 13.65
N LYS A 134 7.45 -8.75 14.57
CA LYS A 134 6.45 -9.80 14.24
C LYS A 134 5.10 -9.20 13.85
N ARG A 135 4.82 -7.97 14.28
CA ARG A 135 3.46 -7.44 14.23
C ARG A 135 2.99 -6.95 12.87
N LYS A 136 3.91 -6.78 11.93
CA LYS A 136 3.55 -6.37 10.58
C LYS A 136 2.80 -5.00 10.49
N MET A 137 3.25 -4.00 11.22
CA MET A 137 2.47 -2.76 11.28
C MET A 137 3.11 -1.71 10.35
N TYR A 138 3.14 -2.04 9.07
CA TYR A 138 3.94 -1.27 8.08
C TYR A 138 3.37 0.14 7.91
N ASP A 139 2.04 0.26 7.82
CA ASP A 139 1.39 1.59 7.64
C ASP A 139 1.52 2.48 8.88
N TYR A 140 1.42 1.89 10.05
CA TYR A 140 1.60 2.65 11.28
C TYR A 140 3.06 3.23 11.30
N PHE A 141 4.05 2.39 11.03
CA PHE A 141 5.45 2.81 10.98
C PHE A 141 5.63 3.97 9.94
N LEU A 142 5.13 3.81 8.73
CA LEU A 142 5.26 4.87 7.72
C LEU A 142 4.53 6.16 8.15
N GLY A 143 3.33 5.98 8.70
CA GLY A 143 2.56 7.13 9.13
C GLY A 143 3.29 7.86 10.25
N LEU A 144 3.94 7.14 11.19
CA LEU A 144 4.67 7.83 12.26
C LEU A 144 5.85 8.70 11.70
N ILE A 145 6.54 8.17 10.70
CA ILE A 145 7.60 8.92 10.04
C ILE A 145 7.02 10.17 9.42
N GLU A 146 5.92 10.00 8.73
CA GLU A 146 5.27 11.15 8.07
C GLU A 146 4.89 12.20 9.11
N GLY A 147 4.28 11.73 10.21
CA GLY A 147 3.84 12.57 11.31
C GLY A 147 5.06 13.27 11.91
N SER A 148 6.17 12.54 12.07
CA SER A 148 7.37 13.15 12.67
C SER A 148 7.87 14.33 11.80
N SER A 149 7.87 14.13 10.50
CA SER A 149 8.31 15.20 9.59
C SER A 149 7.39 16.42 9.76
N LYS A 150 6.08 16.19 9.80
CA LYS A 150 5.12 17.26 10.06
C LYS A 150 5.43 17.98 11.36
N PHE A 151 5.55 17.24 12.47
CA PHE A 151 5.71 17.87 13.79
C PHE A 151 6.97 18.75 13.84
N PHE A 152 8.08 18.24 13.34
CA PHE A 152 9.33 18.92 13.45
C PHE A 152 9.48 19.96 12.34
N LYS A 153 8.49 20.01 11.45
CA LYS A 153 8.47 20.94 10.34
C LYS A 153 9.74 20.78 9.52
N GLU A 154 10.16 19.53 9.29
CA GLU A 154 11.33 19.27 8.43
C GLU A 154 10.94 18.32 7.33
N GLU A 155 11.01 18.80 6.12
CA GLU A 155 10.63 18.06 4.94
C GLU A 155 11.57 16.92 4.67
N ILE A 156 11.00 15.76 4.37
CA ILE A 156 11.82 14.63 3.96
C ILE A 156 11.23 14.00 2.72
N SER A 157 12.02 13.16 2.08
CA SER A 157 11.59 12.27 1.01
C SER A 157 11.79 10.86 1.60
N VAL A 158 10.83 9.97 1.42
CA VAL A 158 10.89 8.64 2.05
C VAL A 158 10.80 7.58 0.94
N GLU A 159 11.88 6.84 0.72
CA GLU A 159 11.89 5.76 -0.26
C GLU A 159 11.71 4.38 0.43
N GLU A 160 10.75 3.60 -0.01
CA GLU A 160 10.56 2.28 0.58
C GLU A 160 11.37 1.31 -0.25
N VAL A 161 12.54 0.95 0.26
CA VAL A 161 13.48 0.10 -0.47
C VAL A 161 12.97 -1.32 -0.53
N GLU A 162 12.47 -1.87 0.58
CA GLU A 162 12.01 -3.26 0.59
C GLU A 162 11.08 -3.60 1.78
N ARG A 163 10.25 -4.62 1.59
CA ARG A 163 9.21 -4.90 2.54
C ARG A 163 8.84 -6.37 2.41
N GLY A 164 8.79 -7.12 3.52
CA GLY A 164 8.61 -8.55 3.41
C GLY A 164 8.97 -9.28 4.68
N GLU A 165 8.66 -10.57 4.75
CA GLU A 165 8.92 -11.36 5.95
C GLU A 165 10.22 -12.12 5.80
N LYS A 166 10.93 -12.28 6.91
CA LYS A 166 12.21 -12.97 6.91
C LYS A 166 12.40 -13.55 8.29
N ASP A 167 12.54 -14.88 8.33
CA ASP A 167 12.74 -15.60 9.58
C ASP A 167 11.62 -15.28 10.60
N GLY A 168 10.38 -15.15 10.13
CA GLY A 168 9.25 -14.92 11.02
C GLY A 168 9.01 -13.46 11.39
N PHE A 169 9.91 -12.56 10.97
CA PHE A 169 9.77 -11.13 11.27
C PHE A 169 9.40 -10.37 10.00
N SER A 170 8.37 -9.52 10.09
CA SER A 170 8.13 -8.52 9.07
C SER A 170 9.23 -7.48 9.09
N ARG A 171 9.61 -6.99 7.93
CA ARG A 171 10.67 -6.02 7.85
C ARG A 171 10.31 -5.00 6.77
N LEU A 172 10.57 -3.74 7.07
CA LEU A 172 10.37 -2.67 6.10
C LEU A 172 11.58 -1.70 6.18
N LYS A 173 12.31 -1.57 5.10
CA LYS A 173 13.51 -0.74 5.10
C LYS A 173 13.22 0.48 4.27
N VAL A 174 13.43 1.66 4.84
CA VAL A 174 13.22 2.90 4.12
C VAL A 174 14.53 3.73 4.08
N ARG A 175 14.69 4.52 3.02
CA ARG A 175 15.75 5.49 2.95
C ARG A 175 15.15 6.90 3.09
N ILE A 176 15.53 7.60 4.14
CA ILE A 176 14.92 8.90 4.44
C ILE A 176 15.90 10.02 4.07
N LYS A 177 15.54 10.84 3.09
CA LYS A 177 16.39 11.95 2.69
C LYS A 177 15.91 13.32 3.22
N PHE A 178 16.79 14.03 3.89
CA PHE A 178 16.50 15.35 4.46
C PHE A 178 16.86 16.43 3.46
N LYS A 179 16.34 17.64 3.64
CA LYS A 179 16.56 18.70 2.65
C LYS A 179 17.99 19.23 2.71
N ASN A 180 18.67 19.07 3.86
CA ASN A 180 20.06 19.50 3.98
C ASN A 180 20.95 18.47 4.62
N PRO A 181 22.27 18.67 4.50
CA PRO A 181 23.25 17.81 5.14
C PRO A 181 22.93 17.68 6.61
N VAL A 182 23.11 16.50 7.16
CA VAL A 182 22.87 16.29 8.59
C VAL A 182 23.99 15.47 9.18
N PHE A 183 24.75 14.77 8.35
CA PHE A 183 25.93 13.99 8.80
C PHE A 183 27.21 14.45 8.11
N GLU A 184 28.33 14.18 8.73
CA GLU A 184 29.62 14.37 8.07
C GLU A 184 30.52 13.20 8.46
N TYR A 185 31.52 12.98 7.62
CA TYR A 185 32.49 11.94 7.86
C TYR A 185 33.34 12.32 9.05
N LYS A 186 33.57 11.38 9.97
CA LYS A 186 34.43 11.64 11.10
C LYS A 186 35.29 10.40 11.33
N LYS A 187 36.45 10.56 11.97
CA LYS A 187 37.34 9.44 12.27
C LYS A 187 36.58 8.42 13.11
N ASN A 188 36.56 7.17 12.69
CA ASN A 188 35.87 6.11 13.43
C ASN A 188 36.75 5.52 14.54
N MET B 1 2.53 4.55 -22.73
CA MET B 1 1.59 3.38 -22.71
C MET B 1 1.08 3.01 -24.12
N LYS B 2 1.01 1.74 -24.44
CA LYS B 2 0.40 1.34 -25.69
C LYS B 2 -0.96 2.06 -25.85
N GLY B 3 -1.19 2.74 -26.99
CA GLY B 3 -2.44 3.44 -27.24
C GLY B 3 -3.72 2.57 -27.07
N THR B 4 -3.67 1.32 -27.49
CA THR B 4 -4.84 0.47 -27.40
C THR B 4 -5.28 0.32 -25.95
N ILE B 5 -4.31 0.23 -25.08
CA ILE B 5 -4.60 0.01 -23.68
C ILE B 5 -5.23 1.25 -23.06
N VAL B 6 -4.68 2.42 -23.36
CA VAL B 6 -5.32 3.67 -22.98
C VAL B 6 -6.79 3.68 -23.48
N GLY B 7 -7.06 3.14 -24.66
CA GLY B 7 -8.40 3.02 -25.18
C GLY B 7 -9.26 2.13 -24.26
N THR B 8 -8.70 1.01 -23.79
CA THR B 8 -9.48 0.18 -22.87
C THR B 8 -9.78 0.99 -21.62
N TRP B 9 -8.81 1.73 -21.12
CA TRP B 9 -9.01 2.50 -19.91
C TRP B 9 -10.11 3.58 -20.06
N ILE B 10 -10.12 4.27 -21.19
CA ILE B 10 -11.17 5.28 -21.42
C ILE B 10 -12.54 4.64 -21.44
N LYS B 11 -12.64 3.51 -22.14
CA LYS B 11 -13.89 2.77 -22.16
C LYS B 11 -14.30 2.39 -20.72
N THR B 12 -13.36 1.75 -19.99
CA THR B 12 -13.60 1.30 -18.61
C THR B 12 -13.99 2.44 -17.65
N LEU B 13 -13.31 3.59 -17.77
CA LEU B 13 -13.73 4.80 -17.05
C LEU B 13 -15.19 5.21 -17.34
N ARG B 14 -15.61 5.13 -18.60
CA ARG B 14 -16.98 5.51 -18.95
C ARG B 14 -17.90 4.52 -18.25
N ASP B 15 -17.49 3.24 -18.25
CA ASP B 15 -18.25 2.21 -17.61
C ASP B 15 -18.42 2.39 -16.10
N LEU B 16 -17.38 2.85 -15.42
CA LEU B 16 -17.44 3.02 -13.97
C LEU B 16 -18.04 4.36 -13.55
N TYR B 17 -17.68 5.44 -14.25
CA TYR B 17 -17.92 6.82 -13.78
C TYR B 17 -18.81 7.72 -14.67
N GLY B 18 -19.04 7.30 -15.92
CA GLY B 18 -20.01 7.98 -16.76
C GLY B 18 -19.30 8.90 -17.73
N ASN B 19 -20.01 9.25 -18.81
CA ASN B 19 -19.39 9.93 -19.94
C ASN B 19 -19.03 11.36 -19.61
N ASP B 20 -19.71 11.98 -18.64
CA ASP B 20 -19.42 13.39 -18.34
CA ASP B 20 -19.43 13.41 -18.37
C ASP B 20 -18.07 13.53 -17.65
N VAL B 21 -17.86 12.70 -16.62
CA VAL B 21 -16.56 12.69 -15.94
C VAL B 21 -15.42 12.44 -16.94
N VAL B 22 -15.62 11.48 -17.84
CA VAL B 22 -14.59 11.09 -18.78
C VAL B 22 -14.38 12.18 -19.87
N ASP B 23 -15.46 12.73 -20.41
CA ASP B 23 -15.37 13.79 -21.43
C ASP B 23 -14.61 15.00 -20.87
N GLU B 24 -14.99 15.44 -19.67
CA GLU B 24 -14.35 16.59 -19.04
C GLU B 24 -12.88 16.28 -18.76
N SER B 25 -12.56 15.05 -18.38
CA SER B 25 -11.19 14.71 -18.11
C SER B 25 -10.32 14.70 -19.37
N LEU B 26 -10.80 14.13 -20.48
CA LEU B 26 -10.03 14.20 -21.72
C LEU B 26 -9.88 15.64 -22.21
N LYS B 27 -10.94 16.44 -22.06
CA LYS B 27 -10.84 17.84 -22.48
C LYS B 27 -9.86 18.58 -21.57
N SER B 28 -9.82 18.23 -20.29
CA SER B 28 -8.94 18.93 -19.35
C SER B 28 -7.46 18.84 -19.76
N VAL B 29 -7.06 17.80 -20.48
CA VAL B 29 -5.68 17.70 -20.92
C VAL B 29 -5.57 17.90 -22.43
N GLY B 30 -6.62 18.42 -23.05
CA GLY B 30 -6.52 18.93 -24.41
C GLY B 30 -6.93 18.01 -25.55
N TRP B 31 -7.51 16.85 -25.22
CA TRP B 31 -7.99 15.93 -26.23
C TRP B 31 -9.43 16.20 -26.69
N GLU B 32 -9.76 15.71 -27.89
CA GLU B 32 -11.16 15.56 -28.27
C GLU B 32 -11.85 14.55 -27.34
N PRO B 33 -13.09 14.80 -26.98
CA PRO B 33 -13.67 13.83 -26.03
C PRO B 33 -13.93 12.48 -26.70
N ASP B 34 -14.17 12.46 -27.99
CA ASP B 34 -14.43 11.21 -28.71
C ASP B 34 -13.21 10.71 -29.48
N ARG B 35 -12.02 11.23 -29.18
CA ARG B 35 -10.79 10.82 -29.86
C ARG B 35 -10.72 9.32 -30.01
N VAL B 36 -10.25 8.86 -31.16
CA VAL B 36 -10.05 7.44 -31.34
C VAL B 36 -8.57 7.17 -31.28
N ILE B 37 -8.18 6.27 -30.36
CA ILE B 37 -6.77 5.94 -30.24
C ILE B 37 -6.50 4.75 -31.11
N THR B 38 -5.58 4.95 -32.04
CA THR B 38 -5.30 3.96 -33.04
C THR B 38 -4.30 2.96 -32.48
N PRO B 39 -4.29 1.73 -33.02
CA PRO B 39 -3.36 0.65 -32.67
C PRO B 39 -1.92 0.98 -33.03
N LEU B 40 -1.72 2.03 -33.81
CA LEU B 40 -0.37 2.51 -34.11
C LEU B 40 0.14 3.39 -32.98
N GLU B 41 -0.71 4.32 -32.54
CA GLU B 41 -0.35 5.37 -31.58
C GLU B 41 0.10 4.85 -30.24
N ASP B 42 0.98 5.61 -29.62
CA ASP B 42 1.29 5.49 -28.21
C ASP B 42 1.03 6.82 -27.47
N ILE B 43 0.67 6.71 -26.20
CA ILE B 43 0.25 7.85 -25.39
C ILE B 43 1.21 8.07 -24.22
N ASP B 44 1.69 9.30 -24.05
CA ASP B 44 2.56 9.62 -22.92
C ASP B 44 2.00 9.28 -21.52
N ASP B 45 2.69 8.42 -20.77
CA ASP B 45 2.24 8.04 -19.43
C ASP B 45 1.78 9.22 -18.60
N ASP B 46 2.42 10.38 -18.76
CA ASP B 46 1.99 11.53 -17.97
C ASP B 46 0.63 12.13 -18.37
N GLU B 47 0.25 12.05 -19.64
CA GLU B 47 -1.07 12.49 -20.03
C GLU B 47 -2.07 11.59 -19.32
N VAL B 48 -1.73 10.29 -19.21
CA VAL B 48 -2.63 9.34 -18.55
C VAL B 48 -2.73 9.74 -17.12
N ARG B 49 -1.61 10.03 -16.48
CA ARG B 49 -1.71 10.43 -15.10
C ARG B 49 -2.59 11.66 -14.93
N ARG B 50 -2.48 12.61 -15.86
CA ARG B 50 -3.22 13.87 -15.71
C ARG B 50 -4.74 13.57 -15.86
N ILE B 51 -5.07 12.71 -16.82
CA ILE B 51 -6.47 12.29 -17.01
C ILE B 51 -6.99 11.63 -15.74
N PHE B 52 -6.18 10.77 -15.13
CA PHE B 52 -6.65 10.01 -13.97
C PHE B 52 -6.81 10.95 -12.77
N ALA B 53 -5.92 11.93 -12.70
CA ALA B 53 -5.96 12.98 -11.70
C ALA B 53 -7.28 13.73 -11.78
N LYS B 54 -7.67 14.04 -12.99
CA LYS B 54 -8.91 14.81 -13.16
C LYS B 54 -10.12 13.90 -12.79
N VAL B 55 -10.03 12.59 -13.06
CA VAL B 55 -11.12 11.69 -12.67
C VAL B 55 -11.21 11.67 -11.16
N SER B 56 -10.06 11.59 -10.52
CA SER B 56 -10.00 11.60 -9.06
C SER B 56 -10.69 12.86 -8.50
N GLU B 57 -10.33 13.99 -9.08
CA GLU B 57 -10.86 15.27 -8.65
C GLU B 57 -12.40 15.32 -8.83
N LYS B 58 -12.90 14.87 -9.99
CA LYS B 58 -14.33 14.97 -10.30
C LYS B 58 -15.20 13.95 -9.54
N THR B 59 -14.68 12.75 -9.24
CA THR B 59 -15.51 11.72 -8.61
C THR B 59 -15.38 11.76 -7.09
N GLY B 60 -14.40 12.49 -6.59
CA GLY B 60 -14.07 12.43 -5.18
C GLY B 60 -13.37 11.17 -4.67
N LYS B 61 -12.95 10.24 -5.55
CA LYS B 61 -12.12 9.10 -5.12
C LYS B 61 -10.60 9.34 -5.34
N ASN B 62 -9.77 8.82 -4.43
CA ASN B 62 -8.35 9.01 -4.59
C ASN B 62 -7.85 8.16 -5.80
N VAL B 63 -6.77 8.60 -6.40
CA VAL B 63 -6.37 8.03 -7.68
C VAL B 63 -6.04 6.55 -7.53
N ASN B 64 -5.55 6.12 -6.37
CA ASN B 64 -5.24 4.69 -6.20
C ASN B 64 -6.48 3.81 -6.22
N GLU B 65 -7.56 4.32 -5.62
CA GLU B 65 -8.82 3.58 -5.59
C GLU B 65 -9.36 3.56 -7.03
N ILE B 66 -9.25 4.67 -7.76
CA ILE B 66 -9.65 4.66 -9.18
C ILE B 66 -8.86 3.54 -9.98
N TRP B 67 -7.55 3.50 -9.85
CA TRP B 67 -6.75 2.44 -10.49
C TRP B 67 -7.24 1.02 -10.05
N ARG B 68 -7.56 0.87 -8.77
CA ARG B 68 -7.96 -0.46 -8.30
C ARG B 68 -9.28 -0.82 -9.03
N GLU B 69 -10.22 0.12 -9.07
CA GLU B 69 -11.52 -0.12 -9.72
C GLU B 69 -11.38 -0.33 -11.24
N VAL B 70 -10.46 0.42 -11.85
CA VAL B 70 -10.21 0.32 -13.29
C VAL B 70 -9.58 -1.04 -13.61
N GLY B 71 -8.66 -1.47 -12.78
CA GLY B 71 -8.09 -2.82 -12.89
C GLY B 71 -9.16 -3.91 -12.84
N ARG B 72 -10.04 -3.89 -11.85
CA ARG B 72 -11.07 -4.89 -11.76
C ARG B 72 -11.97 -4.93 -13.00
N GLN B 73 -12.37 -3.75 -13.50
CA GLN B 73 -13.38 -3.68 -14.52
C GLN B 73 -12.72 -3.82 -15.88
N ASN B 74 -11.43 -3.55 -15.96
CA ASN B 74 -10.81 -3.52 -17.30
C ASN B 74 -10.67 -4.96 -17.85
N ILE B 75 -10.70 -5.95 -16.97
CA ILE B 75 -10.71 -7.36 -17.42
C ILE B 75 -11.94 -7.61 -18.30
N LYS B 76 -13.09 -7.03 -17.90
CA LYS B 76 -14.28 -7.24 -18.70
C LYS B 76 -14.11 -6.55 -20.08
N THR B 77 -13.54 -5.36 -20.08
CA THR B 77 -13.25 -4.62 -21.31
C THR B 77 -12.27 -5.50 -22.18
N PHE B 78 -11.21 -6.03 -21.55
CA PHE B 78 -10.25 -6.88 -22.31
C PHE B 78 -10.98 -8.10 -22.92
N SER B 79 -11.91 -8.68 -22.18
CA SER B 79 -12.59 -9.88 -22.67
C SER B 79 -13.49 -9.51 -23.89
N GLU B 80 -13.91 -8.26 -24.02
CA GLU B 80 -14.71 -7.85 -25.17
C GLU B 80 -13.84 -7.50 -26.38
N TRP B 81 -12.71 -6.85 -26.12
CA TRP B 81 -11.90 -6.37 -27.22
C TRP B 81 -10.94 -7.49 -27.70
N PHE B 82 -10.55 -8.39 -26.81
CA PHE B 82 -9.58 -9.44 -27.14
C PHE B 82 -10.08 -10.80 -26.60
N PRO B 83 -11.26 -11.24 -27.05
CA PRO B 83 -11.82 -12.50 -26.52
C PRO B 83 -10.91 -13.76 -26.70
N SER B 84 -10.02 -13.77 -27.68
CA SER B 84 -9.15 -14.95 -27.88
C SER B 84 -8.17 -15.19 -26.70
N TYR B 85 -7.94 -14.17 -25.86
CA TYR B 85 -7.12 -14.37 -24.68
C TYR B 85 -7.94 -15.10 -23.58
N PHE B 86 -9.26 -15.08 -23.69
CA PHE B 86 -10.10 -15.63 -22.61
C PHE B 86 -10.72 -16.99 -22.98
N ALA B 87 -11.29 -17.05 -24.18
CA ALA B 87 -12.05 -18.21 -24.71
C ALA B 87 -11.50 -19.56 -24.31
N GLY B 88 -12.28 -20.29 -23.52
CA GLY B 88 -11.92 -21.62 -23.08
C GLY B 88 -10.64 -21.71 -22.27
N ARG B 89 -10.38 -20.75 -21.39
CA ARG B 89 -9.26 -20.87 -20.48
C ARG B 89 -9.73 -20.81 -19.06
N ARG B 90 -8.93 -21.33 -18.15
CA ARG B 90 -9.17 -21.20 -16.71
C ARG B 90 -8.31 -20.06 -16.14
N LEU B 91 -8.71 -19.50 -14.99
CA LEU B 91 -7.92 -18.46 -14.31
C LEU B 91 -6.42 -18.76 -14.26
N VAL B 92 -6.09 -19.95 -13.79
CA VAL B 92 -4.70 -20.30 -13.59
C VAL B 92 -3.87 -20.20 -14.88
N ASN B 93 -4.39 -20.73 -15.98
CA ASN B 93 -3.72 -20.62 -17.29
C ASN B 93 -3.65 -19.14 -17.73
N PHE B 94 -4.73 -18.42 -17.51
CA PHE B 94 -4.79 -17.03 -17.93
C PHE B 94 -3.66 -16.26 -17.22
N LEU B 95 -3.59 -16.33 -15.90
CA LEU B 95 -2.54 -15.68 -15.15
C LEU B 95 -1.12 -16.11 -15.59
N MET B 96 -0.92 -17.39 -15.91
CA MET B 96 0.42 -17.92 -16.19
C MET B 96 0.92 -17.39 -17.50
N MET B 97 0.02 -17.18 -18.44
CA MET B 97 0.47 -16.72 -19.73
C MET B 97 0.70 -15.21 -19.76
N MET B 98 0.38 -14.49 -18.68
CA MET B 98 0.34 -13.01 -18.82
C MET B 98 1.72 -12.43 -19.15
N ASP B 99 2.78 -12.99 -18.55
CA ASP B 99 4.11 -12.42 -18.76
C ASP B 99 4.49 -12.54 -20.23
N GLU B 100 4.20 -13.69 -20.84
CA GLU B 100 4.50 -13.89 -22.28
C GLU B 100 3.64 -12.92 -23.13
N VAL B 101 2.35 -12.81 -22.78
CA VAL B 101 1.46 -11.90 -23.50
C VAL B 101 1.96 -10.46 -23.50
N HIS B 102 2.42 -9.97 -22.33
CA HIS B 102 2.89 -8.58 -22.25
C HIS B 102 4.15 -8.32 -23.09
N LEU B 103 5.08 -9.26 -23.14
CA LEU B 103 6.24 -9.11 -24.02
C LEU B 103 5.75 -8.95 -25.48
N GLN B 104 5.08 -9.98 -25.96
CA GLN B 104 4.62 -9.98 -27.32
C GLN B 104 4.02 -8.62 -27.66
N LEU B 105 3.05 -8.18 -26.86
CA LEU B 105 2.18 -7.06 -27.23
C LEU B 105 2.94 -5.76 -27.42
N THR B 106 4.16 -5.69 -26.89
CA THR B 106 4.95 -4.48 -26.99
C THR B 106 6.25 -4.73 -27.72
N LYS B 107 6.44 -5.96 -28.17
CA LYS B 107 7.66 -6.33 -28.87
C LYS B 107 7.86 -5.38 -30.06
N MET B 108 6.76 -4.83 -30.57
CA MET B 108 6.84 -3.87 -31.68
C MET B 108 7.34 -2.48 -31.23
N ILE B 109 6.73 -1.89 -30.21
CA ILE B 109 7.11 -0.54 -29.79
C ILE B 109 8.64 -0.43 -29.62
N LYS B 110 9.24 0.56 -30.28
CA LYS B 110 10.67 0.82 -30.14
C LYS B 110 10.98 1.28 -28.73
N GLY B 111 11.82 0.53 -28.02
CA GLY B 111 12.11 0.83 -26.62
C GLY B 111 10.94 0.58 -25.63
N ALA B 112 10.19 -0.49 -25.83
CA ALA B 112 9.10 -0.85 -24.90
C ALA B 112 9.57 -1.10 -23.45
N THR B 113 8.72 -0.71 -22.50
CA THR B 113 8.87 -1.13 -21.11
C THR B 113 7.54 -1.75 -20.56
N PRO B 114 7.22 -2.96 -21.00
CA PRO B 114 5.97 -3.53 -20.43
C PRO B 114 6.30 -4.03 -19.03
N PRO B 115 5.28 -4.26 -18.19
CA PRO B 115 5.51 -4.87 -16.86
C PRO B 115 5.91 -6.33 -17.04
N ARG B 116 6.86 -6.80 -16.24
CA ARG B 116 7.04 -8.22 -16.09
C ARG B 116 5.95 -8.73 -15.09
N LEU B 117 5.44 -9.93 -15.32
CA LEU B 117 4.36 -10.52 -14.56
C LEU B 117 4.64 -12.01 -14.33
N ILE B 118 5.88 -12.32 -13.97
CA ILE B 118 6.28 -13.72 -13.83
C ILE B 118 5.51 -14.49 -12.76
N ALA B 119 4.92 -15.60 -13.17
CA ALA B 119 4.15 -16.44 -12.28
C ALA B 119 4.82 -17.84 -12.10
N LYS B 120 4.89 -18.33 -10.87
CA LYS B 120 5.50 -19.62 -10.60
C LYS B 120 4.62 -20.41 -9.64
N PRO B 121 4.36 -21.69 -9.95
CA PRO B 121 3.68 -22.54 -8.98
C PRO B 121 4.52 -22.62 -7.73
N VAL B 122 3.92 -22.57 -6.54
CA VAL B 122 4.65 -22.76 -5.28
C VAL B 122 3.98 -23.78 -4.34
N ALA B 123 2.79 -24.25 -4.72
CA ALA B 123 2.09 -25.30 -4.01
C ALA B 123 1.09 -25.86 -4.98
N LYS B 124 0.44 -26.96 -4.61
CA LYS B 124 -0.57 -27.58 -5.46
C LYS B 124 -1.66 -26.58 -5.79
N ASP B 125 -1.95 -25.68 -4.85
CA ASP B 125 -3.11 -24.80 -4.99
C ASP B 125 -2.72 -23.30 -4.99
N ALA B 126 -1.51 -22.96 -5.41
CA ALA B 126 -1.09 -21.57 -5.30
C ALA B 126 0.10 -21.26 -6.21
N ILE B 127 0.10 -20.04 -6.74
CA ILE B 127 1.22 -19.48 -7.51
C ILE B 127 1.69 -18.22 -6.79
N GLU B 128 2.92 -17.80 -7.08
CA GLU B 128 3.37 -16.50 -6.70
C GLU B 128 3.46 -15.77 -8.01
N MET B 129 3.04 -14.50 -8.02
CA MET B 129 3.19 -13.67 -9.21
C MET B 129 3.90 -12.38 -8.84
N GLU B 130 4.91 -12.02 -9.61
CA GLU B 130 5.72 -10.83 -9.27
C GLU B 130 5.57 -9.78 -10.37
N TYR B 131 4.96 -8.67 -10.02
CA TYR B 131 4.91 -7.52 -10.87
C TYR B 131 6.22 -6.80 -10.81
N VAL B 132 6.80 -6.43 -11.95
CA VAL B 132 7.99 -5.56 -11.93
C VAL B 132 7.89 -4.54 -13.02
N SER B 133 8.00 -3.30 -12.63
CA SER B 133 7.79 -2.17 -13.51
C SER B 133 8.30 -0.89 -12.93
N LYS B 134 8.87 -0.03 -13.80
CA LYS B 134 9.15 1.38 -13.44
C LYS B 134 7.92 2.14 -13.01
N ARG B 135 6.74 1.73 -13.47
CA ARG B 135 5.56 2.59 -13.32
C ARG B 135 4.88 2.47 -11.92
N LYS B 136 5.17 1.41 -11.19
CA LYS B 136 4.63 1.25 -9.86
C LYS B 136 3.08 1.32 -9.82
N MET B 137 2.41 0.48 -10.61
CA MET B 137 0.96 0.59 -10.70
C MET B 137 0.39 -0.56 -9.89
N TYR B 138 0.69 -0.55 -8.59
CA TYR B 138 0.35 -1.66 -7.76
C TYR B 138 -1.18 -1.91 -7.73
N ASP B 139 -1.95 -0.83 -7.58
CA ASP B 139 -3.42 -0.99 -7.43
C ASP B 139 -4.03 -1.53 -8.72
N TYR B 140 -3.52 -1.06 -9.87
CA TYR B 140 -4.02 -1.53 -11.14
C TYR B 140 -3.70 -3.01 -11.25
N PHE B 141 -2.44 -3.40 -11.02
CA PHE B 141 -2.06 -4.82 -10.96
C PHE B 141 -3.05 -5.64 -10.04
N LEU B 142 -3.25 -5.26 -8.79
CA LEU B 142 -4.12 -6.03 -7.88
C LEU B 142 -5.56 -6.06 -8.41
N GLY B 143 -5.99 -4.93 -9.00
CA GLY B 143 -7.36 -4.81 -9.43
C GLY B 143 -7.57 -5.80 -10.56
N LEU B 144 -6.59 -5.92 -11.48
CA LEU B 144 -6.72 -6.87 -12.63
C LEU B 144 -6.79 -8.32 -12.15
N ILE B 145 -6.06 -8.64 -11.11
CA ILE B 145 -6.10 -9.99 -10.55
C ILE B 145 -7.52 -10.28 -10.00
N GLU B 146 -8.00 -9.38 -9.19
CA GLU B 146 -9.39 -9.46 -8.67
C GLU B 146 -10.42 -9.58 -9.79
N GLY B 147 -10.26 -8.76 -10.81
CA GLY B 147 -11.14 -8.79 -11.95
C GLY B 147 -11.08 -10.11 -12.68
N SER B 148 -9.87 -10.69 -12.78
CA SER B 148 -9.71 -12.01 -13.45
C SER B 148 -10.46 -13.10 -12.67
N SER B 149 -10.36 -13.07 -11.35
CA SER B 149 -11.06 -14.05 -10.49
C SER B 149 -12.59 -13.96 -10.69
N LYS B 150 -13.15 -12.74 -10.76
CA LYS B 150 -14.60 -12.57 -10.99
C LYS B 150 -14.99 -13.05 -12.37
N PHE B 151 -14.21 -12.65 -13.37
CA PHE B 151 -14.56 -12.98 -14.74
C PHE B 151 -14.67 -14.50 -14.91
N PHE B 152 -13.70 -15.23 -14.37
CA PHE B 152 -13.55 -16.67 -14.58
C PHE B 152 -14.32 -17.42 -13.49
N LYS B 153 -14.81 -16.68 -12.50
CA LYS B 153 -15.67 -17.23 -11.45
C LYS B 153 -14.91 -18.26 -10.65
N GLU B 154 -13.67 -17.92 -10.31
CA GLU B 154 -12.81 -18.77 -9.47
C GLU B 154 -12.29 -17.91 -8.32
N GLU B 155 -12.84 -18.18 -7.13
CA GLU B 155 -12.46 -17.49 -5.90
C GLU B 155 -10.99 -17.75 -5.62
N ILE B 156 -10.29 -16.75 -5.09
CA ILE B 156 -8.88 -16.90 -4.74
C ILE B 156 -8.66 -16.07 -3.52
N SER B 157 -7.58 -16.31 -2.82
CA SER B 157 -7.10 -15.30 -1.92
C SER B 157 -5.75 -14.77 -2.45
N VAL B 158 -5.46 -13.52 -2.13
CA VAL B 158 -4.24 -12.88 -2.61
C VAL B 158 -3.53 -12.32 -1.42
N GLU B 159 -2.30 -12.73 -1.23
CA GLU B 159 -1.54 -12.22 -0.09
C GLU B 159 -0.21 -11.65 -0.57
N GLU B 160 0.13 -10.47 -0.10
CA GLU B 160 1.41 -9.87 -0.49
C GLU B 160 2.56 -10.59 0.20
N VAL B 161 3.59 -10.90 -0.57
CA VAL B 161 4.79 -11.59 -0.08
C VAL B 161 5.94 -10.61 0.06
N GLU B 162 6.14 -9.74 -0.94
CA GLU B 162 7.28 -8.81 -0.96
C GLU B 162 6.93 -7.60 -1.77
N ARG B 163 7.57 -6.49 -1.43
CA ARG B 163 7.51 -5.30 -2.26
C ARG B 163 8.93 -4.65 -2.20
N GLY B 164 9.27 -3.81 -3.15
CA GLY B 164 10.64 -3.31 -3.27
C GLY B 164 10.75 -2.28 -4.37
N GLU B 165 11.70 -1.38 -4.20
CA GLU B 165 12.04 -0.39 -5.22
C GLU B 165 13.55 -0.33 -5.29
N LYS B 166 14.10 -0.56 -6.47
CA LYS B 166 15.55 -0.53 -6.69
C LYS B 166 15.80 -0.07 -8.13
N ASP B 167 16.80 0.79 -8.31
CA ASP B 167 17.31 1.08 -9.65
C ASP B 167 16.18 1.59 -10.52
N GLY B 168 15.26 2.38 -9.96
CA GLY B 168 14.11 2.88 -10.70
C GLY B 168 12.98 1.85 -10.96
N PHE B 169 13.19 0.60 -10.57
CA PHE B 169 12.19 -0.46 -10.73
C PHE B 169 11.36 -0.68 -9.48
N SER B 170 10.04 -0.77 -9.63
CA SER B 170 9.15 -1.19 -8.54
C SER B 170 8.78 -2.63 -8.68
N ARG B 171 8.55 -3.32 -7.58
CA ARG B 171 8.16 -4.71 -7.66
C ARG B 171 7.15 -5.05 -6.55
N LEU B 172 6.26 -6.01 -6.82
CA LEU B 172 5.28 -6.42 -5.83
C LEU B 172 5.01 -7.90 -6.10
N LYS B 173 5.28 -8.76 -5.13
CA LYS B 173 5.07 -10.20 -5.33
C LYS B 173 3.91 -10.63 -4.45
N VAL B 174 2.93 -11.30 -5.04
CA VAL B 174 1.73 -11.80 -4.30
C VAL B 174 1.63 -13.31 -4.44
N ARG B 175 1.05 -13.92 -3.42
CA ARG B 175 0.78 -15.33 -3.42
C ARG B 175 -0.71 -15.48 -3.69
N ILE B 176 -1.07 -16.18 -4.75
CA ILE B 176 -2.44 -16.34 -5.18
C ILE B 176 -2.83 -17.78 -4.90
N LYS B 177 -3.74 -17.98 -3.96
CA LYS B 177 -4.19 -19.30 -3.58
C LYS B 177 -5.60 -19.58 -4.08
N PHE B 178 -5.72 -20.65 -4.84
CA PHE B 178 -6.99 -21.13 -5.34
C PHE B 178 -7.75 -22.04 -4.38
N LYS B 179 -9.07 -22.07 -4.53
CA LYS B 179 -9.95 -22.90 -3.72
C LYS B 179 -9.49 -24.34 -3.82
N ASN B 180 -9.55 -24.88 -5.03
CA ASN B 180 -9.21 -26.27 -5.27
C ASN B 180 -7.78 -26.50 -5.83
N PRO B 181 -7.22 -27.70 -5.62
CA PRO B 181 -5.89 -27.96 -6.19
C PRO B 181 -5.87 -27.72 -7.68
N VAL B 182 -4.84 -27.05 -8.15
CA VAL B 182 -4.74 -26.59 -9.51
C VAL B 182 -3.49 -27.13 -10.26
N PHE B 183 -2.49 -27.62 -9.51
CA PHE B 183 -1.23 -28.16 -10.07
C PHE B 183 -0.96 -29.63 -9.59
N GLU B 184 -0.11 -30.34 -10.33
CA GLU B 184 0.37 -31.65 -9.88
C GLU B 184 1.80 -31.80 -10.35
N TYR B 185 2.62 -32.43 -9.51
CA TYR B 185 3.94 -32.86 -9.90
C TYR B 185 3.91 -33.73 -11.15
N LYS B 186 4.64 -33.28 -12.16
CA LYS B 186 4.87 -34.04 -13.37
C LYS B 186 6.38 -34.09 -13.57
N LYS B 187 6.87 -35.13 -14.25
CA LYS B 187 8.30 -35.32 -14.46
C LYS B 187 8.84 -34.14 -15.25
N ASN B 188 10.07 -33.74 -14.96
CA ASN B 188 10.66 -32.59 -15.65
C ASN B 188 11.73 -33.05 -16.64
CHA HEM C . 4.91 0.72 19.31
CHB HEM C . 6.75 4.13 22.25
CHC HEM C . 7.50 6.91 18.32
CHD HEM C . 7.40 2.85 15.68
C1A HEM C . 5.40 1.34 20.46
C2A HEM C . 5.42 0.83 21.82
C3A HEM C . 5.96 1.77 22.60
C4A HEM C . 6.25 2.91 21.81
CMA HEM C . 6.21 1.62 24.12
CAA HEM C . 4.94 -0.56 22.32
CBA HEM C . 5.89 -1.70 21.94
CGA HEM C . 5.43 -3.06 22.51
O1A HEM C . 6.07 -4.08 22.15
O2A HEM C . 4.44 -3.14 23.31
C1B HEM C . 6.97 5.22 21.44
C2B HEM C . 7.27 6.57 21.88
C3B HEM C . 7.45 7.33 20.78
C4B HEM C . 7.35 6.48 19.61
CMB HEM C . 7.27 6.98 23.36
CAB HEM C . 7.78 8.83 20.62
CBB HEM C . 7.81 9.63 21.68
C1C HEM C . 7.68 6.02 17.28
C2C HEM C . 8.28 6.28 15.97
C3C HEM C . 8.23 5.14 15.28
C4C HEM C . 7.66 4.13 16.10
CMC HEM C . 8.80 7.62 15.44
CAC HEM C . 8.73 4.89 13.85
CBC HEM C . 9.73 5.64 13.43
C1D HEM C . 6.51 2.04 16.33
C2D HEM C . 5.73 0.94 15.71
C3D HEM C . 4.95 0.28 16.83
C4D HEM C . 5.36 1.00 18.03
CMD HEM C . 5.71 0.61 14.20
CAD HEM C . 3.91 -0.90 16.77
CBD HEM C . 4.50 -2.16 17.45
CGD HEM C . 5.08 -3.04 16.35
O1D HEM C . 5.15 -2.61 15.17
O2D HEM C . 5.55 -4.17 16.69
NA HEM C . 5.96 2.60 20.50
NB HEM C . 7.00 5.21 20.06
NC HEM C . 7.32 4.68 17.31
ND HEM C . 6.29 1.99 17.71
FE HEM C . 6.59 3.65 18.86
HHB HEM C . 6.75 4.30 23.22
HHC HEM C . 7.12 7.79 18.09
HHD HEM C . 8.07 2.41 15.11
HMA HEM C . 6.82 0.88 24.28
HMAA HEM C . 5.35 1.45 24.58
HMAB HEM C . 6.60 2.45 24.47
HAA HEM C . 4.07 -0.74 21.94
HAAA HEM C . 4.86 -0.54 23.29
HBA HEM C . 6.78 -1.49 22.27
HBAA HEM C . 5.92 -1.77 20.97
HMB HEM C . 7.49 7.93 23.43
HMBA HEM C . 7.92 6.45 23.84
HMBB HEM C . 6.38 6.84 23.74
HAB HEM C . 7.95 9.19 19.75
HBB HEM C . 8.02 10.57 21.58
HBBA HEM C . 7.64 9.27 22.57
HMC HEM C . 9.15 7.51 14.54
HMCA HEM C . 9.51 7.95 16.02
HMCB HEM C . 8.08 8.27 15.42
HAC HEM C . 8.53 4.06 13.42
HBC HEM C . 10.08 5.51 12.53
HBCA HEM C . 10.12 6.30 14.02
HMD HEM C . 5.11 -0.15 14.06
HMDA HEM C . 6.61 0.38 13.91
HMDB HEM C . 5.38 1.38 13.71
HAD HEM C . 3.70 -1.11 15.84
HADA HEM C . 3.09 -0.64 17.22
HBD HEM C . 3.80 -2.65 17.92
HBDA HEM C . 5.19 -1.91 18.08
HHA HEM C . 4.42 -0.13 19.44
O1 OXY D . 4.78 4.39 18.47
O2 OXY D . 3.72 3.30 19.01
XE XE E . -1.88 -4.38 16.79
XE XE F . -7.22 1.02 20.49
C ACT G . 5.64 5.10 28.16
O ACT G . 6.13 5.44 29.26
OXT ACT G . 5.35 3.85 28.01
CH3 ACT G . 5.42 6.20 27.11
H1 ACT G . 4.97 5.76 26.22
H2 ACT G . 6.37 6.65 26.85
H3 ACT G . 4.75 6.95 27.52
CHA HEM H . -0.24 -2.83 -19.17
CHB HEM H . -1.96 -6.09 -22.36
CHC HEM H . -4.02 -8.37 -18.65
CHD HEM H . -0.93 -6.22 -15.70
C1A HEM H . -0.53 -3.47 -20.36
C2A HEM H . -0.07 -3.07 -21.66
C3A HEM H . -0.53 -3.98 -22.53
C4A HEM H . -1.28 -4.99 -21.82
CMA HEM H . -0.30 -3.94 -24.07
CAA HEM H . 0.78 -1.77 -21.96
CBA HEM H . 2.27 -1.94 -21.63
CGA HEM H . 3.16 -0.84 -22.20
O1A HEM H . 2.81 -0.01 -23.10
O2A HEM H . 4.30 -0.79 -21.74
C1B HEM H . -2.79 -6.92 -21.64
C2B HEM H . -3.84 -7.80 -22.14
C3B HEM H . -4.41 -8.38 -21.09
C4B HEM H . -3.72 -7.93 -19.91
CMB HEM H . -4.24 -7.89 -23.65
CAB HEM H . -5.57 -9.42 -20.97
CBB HEM H . -6.04 -10.11 -22.01
C1C HEM H . -3.22 -8.10 -17.56
C2C HEM H . -3.26 -8.77 -16.28
C3C HEM H . -2.41 -8.16 -15.48
C4C HEM H . -1.81 -7.08 -16.22
CMC HEM H . -4.16 -9.95 -15.87
CAC HEM H . -2.04 -8.49 -14.03
CBC HEM H . -1.97 -9.75 -13.62
C1D HEM H . -0.65 -4.97 -16.29
C2D HEM H . -0.27 -3.77 -15.61
C3D HEM H . -0.04 -2.69 -16.67
C4D HEM H . -0.29 -3.38 -17.92
CMD HEM H . -0.12 -3.66 -14.06
CAD HEM H . 0.37 -1.19 -16.50
CBD HEM H . 1.81 -1.02 -17.07
CGD HEM H . 2.86 -1.13 -15.95
O1D HEM H . 2.54 -1.37 -14.76
O2D HEM H . 4.08 -0.94 -16.24
NA HEM H . -1.21 -4.67 -20.50
NB HEM H . -2.77 -7.02 -20.26
NC HEM H . -2.31 -7.07 -17.51
ND HEM H . -0.67 -4.68 -17.64
FE HEM H . -1.79 -5.82 -18.96
HHB HEM H . -2.00 -6.15 -23.34
HHC HEM H . -4.95 -8.62 -18.47
HHD HEM H . -0.75 -6.31 -14.73
HMA HEM H . 0.66 -3.98 -24.26
HMAA HEM H . -0.69 -3.11 -24.44
HMAB HEM H . -0.74 -4.71 -24.48
HAA HEM H . 0.43 -1.03 -21.44
HAAA HEM H . 0.70 -1.56 -22.91
HBA HEM H . 2.57 -2.80 -21.99
HBAA HEM H . 2.37 -1.97 -20.67
HMB HEM H . -4.95 -8.55 -23.74
HMBA HEM H . -3.47 -8.17 -24.18
HMBB HEM H . -4.55 -7.03 -23.95
HAB HEM H . -5.97 -9.57 -20.10
HBB HEM H . -6.76 -10.74 -21.89
HBBA HEM H . -5.66 -9.96 -22.89
HMC HEM H . -3.96 -10.20 -14.95
HMCA HEM H . -3.98 -10.71 -16.45
HMCB HEM H . -5.09 -9.69 -15.95
HAC HEM H . -1.86 -7.77 -13.41
HBC HEM H . -1.72 -9.95 -12.70
HBCA HEM H . -2.15 -10.48 -14.24
HMD HEM H . 0.14 -2.75 -13.82
HMDA HEM H . 0.57 -4.29 -13.76
HMDB HEM H . -0.97 -3.88 -13.64
HAD HEM H . 0.36 -0.96 -15.56
HADA HEM H . -0.25 -0.64 -16.99
HBD HEM H . 1.88 -0.15 -17.49
HBDA HEM H . 1.97 -1.71 -17.74
HHA HEM H . 0.03 -1.89 -19.23
O1 OXY I . -3.33 -3.25 -18.99
O2 OXY I . -3.36 -4.71 -18.51
XE XE J . 0.19 5.61 -16.37
XE XE K . -7.09 7.39 -19.93
#